data_7RKR
#
_entry.id   7RKR
#
_cell.length_a   120.860
_cell.length_b   55.350
_cell.length_c   71.490
_cell.angle_alpha   90.000
_cell.angle_beta   100.120
_cell.angle_gamma   90.000
#
_symmetry.space_group_name_H-M   'C 1 2 1'
#
loop_
_entity.id
_entity.type
_entity.pdbx_description
1 polymer 'Protein CYP51'
2 non-polymer 'PROTOPORPHYRIN IX CONTAINING FE'
3 non-polymer '(1S)-1-(4-fluorophenyl)-2-(1H-imidazol-1-yl)ethyl 3-(trifluoromethyl)benzoate'
4 non-polymer 'CALCIUM ION'
5 water water
#
_entity_poly.entity_id   1
_entity_poly.type   'polypeptide(L)'
_entity_poly.pdbx_seq_one_letter_code
;MAKKTSSKGKLPPRVPNLIPYVGSFVSFAKNPVQFIIDNSKKYGDVFTATILGKEMTFLNHPKILDTFFKATDNELSLRD
VYRFMRPVFGTGVVYDADSTERMMEQVKFVSSGLTTARFRVFVDIFEDEIAHKVKELGPEGTVDVAELMADLIIFTASRC
LLGDEVRQYLSEKNLGKLYHDIDDGISPLSFFYPSLPAPKRDKARKAVGEIFQELLDKRREEHKKHPERLLDESKMDVVD
HLLTQKYKDGQELTDVHRIGILIAGLFAGQHTSSITSSWTLMNVISNKKVLEKVRKEQEEIMGSDKVLDYDKVMKMDYLE
ACMKEALRMYPPLIMIMRMARKPRECEQYIIPKGNILVVSPSVAGRCTDTYTNPDVFDPERLTERKEHEKFKYGAVPFGA
GRHKCIGENFALLQVKSIISILLRYFDMEYIGKIPDPSYTSLVVGPSPPTRMRYKLRKQQHHHHHH
;
_entity_poly.pdbx_strand_id   A
#
loop_
_chem_comp.id
_chem_comp.type
_chem_comp.name
_chem_comp.formula
CA non-polymer 'CALCIUM ION' 'Ca 2'
HEM non-polymer 'PROTOPORPHYRIN IX CONTAINING FE' 'C34 H32 Fe N4 O4'
L49 non-polymer '(1S)-1-(4-fluorophenyl)-2-(1H-imidazol-1-yl)ethyl 3-(trifluoromethyl)benzoate' 'C19 H14 F4 N2 O2'
#
# COMPACT_ATOMS: atom_id res chain seq x y z
N LYS A 10 -19.14 -25.66 17.85
CA LYS A 10 -19.78 -25.05 16.65
C LYS A 10 -19.23 -23.64 16.40
N LEU A 11 -19.21 -22.80 17.44
CA LEU A 11 -18.50 -21.53 17.41
C LEU A 11 -17.03 -21.83 17.58
N PRO A 12 -16.13 -21.00 17.00
CA PRO A 12 -14.71 -21.31 17.20
C PRO A 12 -14.29 -21.18 18.67
N PRO A 13 -13.18 -21.80 19.05
CA PRO A 13 -12.62 -21.55 20.36
C PRO A 13 -12.26 -20.08 20.63
N ARG A 14 -12.40 -19.65 21.89
CA ARG A 14 -12.18 -18.25 22.25
C ARG A 14 -10.87 -18.03 23.00
N VAL A 15 -10.24 -16.88 22.74
CA VAL A 15 -9.10 -16.43 23.51
C VAL A 15 -9.79 -15.90 24.74
N PRO A 16 -9.45 -16.44 25.92
CA PRO A 16 -10.15 -15.98 27.09
C PRO A 16 -9.70 -14.55 27.37
N ASN A 17 -10.61 -13.73 27.87
CA ASN A 17 -10.32 -12.31 28.12
C ASN A 17 -9.50 -12.07 29.38
N LEU A 18 -8.51 -11.19 29.27
CA LEU A 18 -7.94 -10.50 30.44
C LEU A 18 -9.08 -9.87 31.33
N ILE A 19 -10.01 -9.16 30.69
CA ILE A 19 -11.07 -8.33 31.32
C ILE A 19 -12.33 -8.37 30.43
N PRO A 20 -13.54 -8.07 30.95
CA PRO A 20 -14.67 -7.84 29.99
C PRO A 20 -14.51 -6.55 29.16
N TYR A 21 -15.26 -6.46 28.05
CA TYR A 21 -15.11 -5.40 27.02
C TYR A 21 -13.72 -5.29 26.37
N VAL A 22 -12.73 -4.85 27.14
CA VAL A 22 -11.40 -4.59 26.61
C VAL A 22 -10.84 -5.89 25.99
N GLY A 23 -11.17 -6.99 26.66
CA GLY A 23 -10.91 -8.35 26.22
C GLY A 23 -9.44 -8.57 26.12
N SER A 24 -9.03 -8.95 24.90
CA SER A 24 -7.65 -9.23 24.59
C SER A 24 -6.93 -8.03 23.98
N PHE A 25 -7.48 -6.81 24.11
CA PHE A 25 -6.85 -5.64 23.45
C PHE A 25 -5.40 -5.42 23.78
N VAL A 26 -5.00 -5.59 25.05
CA VAL A 26 -3.68 -5.18 25.47
C VAL A 26 -2.60 -5.96 24.74
N SER A 27 -2.77 -7.28 24.69
CA SER A 27 -1.76 -8.13 24.06
C SER A 27 -1.90 -8.09 22.52
N PHE A 28 -3.11 -7.87 22.01
CA PHE A 28 -3.33 -7.57 20.56
C PHE A 28 -2.59 -6.31 20.16
N ALA A 29 -2.84 -5.23 20.93
CA ALA A 29 -2.19 -3.93 20.71
C ALA A 29 -0.67 -3.94 20.84
N LYS A 30 -0.12 -4.80 21.69
CA LYS A 30 1.34 -4.89 21.85
C LYS A 30 2.02 -5.38 20.57
N ASN A 31 1.49 -6.45 19.99
CA ASN A 31 1.99 -6.98 18.75
C ASN A 31 0.91 -7.86 18.14
N PRO A 32 0.11 -7.31 17.20
CA PRO A 32 -1.00 -8.09 16.68
C PRO A 32 -0.58 -9.29 15.87
N VAL A 33 0.58 -9.24 15.24
CA VAL A 33 1.09 -10.39 14.50
C VAL A 33 1.42 -11.52 15.49
N GLN A 34 2.23 -11.21 16.49
CA GLN A 34 2.57 -12.19 17.54
C GLN A 34 1.35 -12.75 18.26
N PHE A 35 0.37 -11.89 18.51
CA PHE A 35 -0.90 -12.28 19.13
C PHE A 35 -1.61 -13.34 18.36
N ILE A 36 -1.69 -13.16 17.04
CA ILE A 36 -2.32 -14.17 16.19
C ILE A 36 -1.51 -15.46 16.13
N ILE A 37 -0.19 -15.35 16.00
CA ILE A 37 0.65 -16.55 15.97
C ILE A 37 0.48 -17.32 17.28
N ASP A 38 0.67 -16.64 18.41
CA ASP A 38 0.64 -17.29 19.73
C ASP A 38 -0.69 -17.95 20.02
N ASN A 39 -1.77 -17.24 19.75
CA ASN A 39 -3.09 -17.85 19.88
C ASN A 39 -3.45 -18.88 18.83
N SER A 40 -2.87 -18.83 17.63
CA SER A 40 -3.02 -19.93 16.66
C SER A 40 -2.49 -21.24 17.23
N LYS A 41 -1.32 -21.19 17.87
CA LYS A 41 -0.78 -22.35 18.56
C LYS A 41 -1.77 -22.96 19.56
N LYS A 42 -2.35 -22.13 20.42
CA LYS A 42 -3.23 -22.59 21.49
C LYS A 42 -4.54 -23.10 20.93
N TYR A 43 -5.17 -22.35 20.04
CA TYR A 43 -6.57 -22.61 19.67
C TYR A 43 -6.77 -23.09 18.23
N GLY A 44 -5.73 -23.01 17.40
CA GLY A 44 -5.78 -23.58 16.05
C GLY A 44 -6.08 -22.58 14.94
N ASP A 45 -6.46 -23.15 13.81
CA ASP A 45 -6.69 -22.43 12.57
C ASP A 45 -7.68 -21.26 12.61
N VAL A 46 -8.66 -21.33 13.51
CA VAL A 46 -9.75 -20.35 13.61
C VAL A 46 -10.08 -20.09 15.08
N PHE A 47 -9.92 -18.86 15.55
CA PHE A 47 -10.32 -18.52 16.93
C PHE A 47 -10.92 -17.13 16.96
N THR A 48 -11.60 -16.83 18.06
CA THR A 48 -12.33 -15.62 18.27
C THR A 48 -11.82 -14.94 19.53
N ALA A 49 -11.59 -13.65 19.43
CA ALA A 49 -11.25 -12.81 20.55
C ALA A 49 -12.16 -11.60 20.58
N THR A 50 -12.58 -11.25 21.80
CA THR A 50 -13.14 -9.94 22.09
C THR A 50 -12.06 -8.90 22.21
N ILE A 51 -12.18 -7.82 21.42
CA ILE A 51 -11.21 -6.73 21.40
C ILE A 51 -11.96 -5.38 21.31
N LEU A 52 -11.79 -4.57 22.34
CA LEU A 52 -12.56 -3.33 22.56
C LEU A 52 -14.02 -3.42 22.12
N GLY A 53 -14.69 -4.46 22.63
CA GLY A 53 -16.10 -4.69 22.38
C GLY A 53 -16.47 -5.51 21.13
N LYS A 54 -15.52 -5.68 20.21
CA LYS A 54 -15.76 -6.37 18.92
C LYS A 54 -15.36 -7.83 18.98
N GLU A 55 -16.19 -8.67 18.42
CA GLU A 55 -15.90 -10.07 18.19
C GLU A 55 -15.12 -10.28 16.87
N MET A 56 -13.84 -10.64 17.00
CA MET A 56 -12.90 -10.78 15.90
C MET A 56 -12.46 -12.21 15.82
N THR A 57 -12.81 -12.83 14.70
CA THR A 57 -12.47 -14.21 14.38
C THR A 57 -11.34 -14.22 13.38
N PHE A 58 -10.20 -14.76 13.84
CA PHE A 58 -8.98 -14.80 13.12
C PHE A 58 -8.91 -16.12 12.35
N LEU A 59 -8.60 -16.04 11.07
CA LEU A 59 -8.41 -17.22 10.20
C LEU A 59 -6.94 -17.37 9.88
N ASN A 60 -6.32 -18.48 10.29
CA ASN A 60 -4.83 -18.45 10.47
C ASN A 60 -4.01 -19.35 9.59
N HIS A 61 -4.66 -20.07 8.67
CA HIS A 61 -3.93 -20.95 7.79
C HIS A 61 -4.39 -20.77 6.35
N PRO A 62 -3.41 -20.72 5.42
CA PRO A 62 -3.64 -20.61 3.95
C PRO A 62 -4.75 -21.47 3.40
N LYS A 63 -4.81 -22.75 3.83
CA LYS A 63 -5.81 -23.72 3.36
C LYS A 63 -7.23 -23.32 3.62
N ILE A 64 -7.52 -22.62 4.73
CA ILE A 64 -8.93 -22.26 5.03
C ILE A 64 -9.48 -20.94 4.45
N LEU A 65 -8.66 -20.22 3.68
CA LEU A 65 -8.99 -18.86 3.24
C LEU A 65 -9.90 -18.71 2.03
N ASP A 66 -10.31 -19.80 1.39
CA ASP A 66 -11.08 -19.66 0.11
C ASP A 66 -12.43 -18.99 0.27
N THR A 67 -13.08 -19.28 1.38
CA THR A 67 -14.42 -18.80 1.68
C THR A 67 -14.40 -17.31 2.07
N PHE A 68 -13.27 -16.85 2.58
CA PHE A 68 -13.05 -15.43 2.90
C PHE A 68 -12.89 -14.60 1.61
N PHE A 69 -11.96 -15.02 0.75
CA PHE A 69 -11.65 -14.23 -0.43
C PHE A 69 -12.70 -14.26 -1.55
N LYS A 70 -13.53 -15.31 -1.58
CA LYS A 70 -14.49 -15.57 -2.67
C LYS A 70 -15.89 -15.16 -2.31
N ALA A 71 -16.14 -14.82 -1.06
CA ALA A 71 -17.42 -14.32 -0.69
C ALA A 71 -17.81 -13.09 -1.53
N THR A 72 -19.11 -12.82 -1.59
CA THR A 72 -19.61 -11.58 -2.16
C THR A 72 -19.80 -10.60 -1.05
N ASP A 73 -19.96 -9.34 -1.39
CA ASP A 73 -20.04 -8.27 -0.41
C ASP A 73 -21.28 -8.23 0.49
N ASN A 74 -22.37 -8.85 0.10
CA ASN A 74 -23.49 -8.90 1.06
C ASN A 74 -23.42 -10.11 2.00
N GLU A 75 -22.41 -10.97 1.81
CA GLU A 75 -21.97 -11.97 2.80
C GLU A 75 -20.81 -11.43 3.70
N LEU A 76 -19.70 -11.00 3.08
CA LEU A 76 -18.55 -10.40 3.83
C LEU A 76 -18.27 -8.97 3.34
N SER A 77 -18.55 -8.02 4.23
CA SER A 77 -18.63 -6.64 3.90
C SER A 77 -17.33 -5.93 4.31
N LEU A 78 -16.83 -5.15 3.36
CA LEU A 78 -15.74 -4.23 3.59
C LEU A 78 -16.20 -2.90 4.08
N ARG A 79 -17.30 -2.40 3.51
CA ARG A 79 -17.89 -1.15 3.90
C ARG A 79 -18.23 -1.09 5.39
N ASP A 80 -18.64 -2.21 5.97
CA ASP A 80 -18.92 -2.25 7.39
C ASP A 80 -17.72 -2.12 8.32
N VAL A 81 -16.53 -2.46 7.85
CA VAL A 81 -15.29 -2.41 8.68
C VAL A 81 -14.40 -1.20 8.36
N TYR A 82 -14.41 -0.71 7.15
CA TYR A 82 -13.50 0.38 6.74
C TYR A 82 -14.14 1.76 6.59
N ARG A 83 -15.42 1.84 6.91
CA ARG A 83 -16.17 3.08 6.90
C ARG A 83 -15.53 4.18 7.78
N PHE A 84 -14.90 3.80 8.88
CA PHE A 84 -14.09 4.77 9.74
C PHE A 84 -13.13 5.74 9.00
N MET A 85 -12.70 5.37 7.77
CA MET A 85 -11.89 6.23 6.88
C MET A 85 -12.59 7.43 6.32
N ARG A 86 -13.88 7.56 6.60
CA ARG A 86 -14.69 8.59 6.03
C ARG A 86 -14.14 10.02 6.27
N PRO A 87 -13.65 10.32 7.49
CA PRO A 87 -13.05 11.69 7.66
C PRO A 87 -11.81 11.93 6.80
N VAL A 88 -11.14 10.89 6.31
CA VAL A 88 -10.02 11.05 5.40
C VAL A 88 -10.47 11.00 3.93
N PHE A 89 -11.18 9.93 3.53
CA PHE A 89 -11.44 9.71 2.11
C PHE A 89 -12.63 10.55 1.66
N GLY A 90 -13.53 10.87 2.54
CA GLY A 90 -14.65 11.73 2.23
C GLY A 90 -15.96 11.03 2.38
N THR A 91 -17.00 11.82 2.67
CA THR A 91 -18.38 11.33 2.61
C THR A 91 -18.76 10.81 1.21
N GLY A 92 -19.44 9.67 1.14
CA GLY A 92 -19.87 9.06 -0.14
C GLY A 92 -18.77 8.44 -1.05
N VAL A 93 -17.59 8.19 -0.50
CA VAL A 93 -16.42 7.79 -1.25
C VAL A 93 -15.92 6.48 -0.70
N VAL A 94 -15.71 5.52 -1.58
CA VAL A 94 -14.99 4.31 -1.27
C VAL A 94 -15.81 3.53 -0.24
N TYR A 95 -15.31 3.28 1.00
CA TYR A 95 -16.02 2.51 2.01
C TYR A 95 -17.24 3.21 2.61
N ASP A 96 -17.39 4.53 2.32
CA ASP A 96 -18.61 5.26 2.63
C ASP A 96 -19.46 5.50 1.36
N ALA A 97 -19.21 4.78 0.27
CA ALA A 97 -20.07 4.90 -0.90
C ALA A 97 -21.46 4.40 -0.53
N ASP A 98 -22.43 4.86 -1.27
CA ASP A 98 -23.85 4.42 -1.10
C ASP A 98 -24.05 2.92 -1.25
N SER A 99 -23.29 2.30 -2.13
CA SER A 99 -23.33 0.86 -2.33
C SER A 99 -21.97 0.32 -2.70
N THR A 100 -21.88 -0.99 -2.68
CA THR A 100 -20.76 -1.71 -3.25
C THR A 100 -20.52 -1.39 -4.68
N GLU A 101 -21.62 -1.21 -5.42
CA GLU A 101 -21.58 -0.98 -6.85
C GLU A 101 -20.94 0.36 -7.15
N ARG A 102 -21.35 1.38 -6.39
CA ARG A 102 -20.76 2.71 -6.53
C ARG A 102 -19.23 2.73 -6.18
N MET A 103 -18.85 2.11 -5.07
CA MET A 103 -17.43 1.96 -4.63
C MET A 103 -16.61 1.35 -5.75
N MET A 104 -17.10 0.26 -6.29
CA MET A 104 -16.48 -0.36 -7.46
C MET A 104 -16.34 0.55 -8.66
N GLU A 105 -17.32 1.36 -8.97
CA GLU A 105 -17.12 2.34 -10.03
C GLU A 105 -16.07 3.36 -9.72
N GLN A 106 -16.03 3.76 -8.45
CA GLN A 106 -15.00 4.74 -8.03
C GLN A 106 -13.59 4.17 -8.20
N VAL A 107 -13.41 2.90 -7.84
CA VAL A 107 -12.14 2.23 -7.98
C VAL A 107 -11.74 2.22 -9.42
N LYS A 108 -12.69 1.91 -10.30
CA LYS A 108 -12.39 1.91 -11.70
C LYS A 108 -11.97 3.27 -12.20
N PHE A 109 -12.44 4.38 -11.64
CA PHE A 109 -11.85 5.68 -12.07
C PHE A 109 -10.33 5.82 -11.80
N VAL A 110 -9.85 5.30 -10.66
CA VAL A 110 -8.41 5.36 -10.34
C VAL A 110 -7.62 4.38 -11.28
N SER A 111 -8.10 3.15 -11.38
CA SER A 111 -7.45 2.16 -12.22
C SER A 111 -7.33 2.61 -13.68
N SER A 112 -8.27 3.41 -14.16
CA SER A 112 -8.23 3.92 -15.54
C SER A 112 -7.09 4.92 -15.81
N GLY A 113 -6.43 5.43 -14.75
CA GLY A 113 -5.19 6.22 -14.92
C GLY A 113 -3.93 5.38 -14.84
N LEU A 114 -4.07 4.06 -14.70
CA LEU A 114 -2.96 3.20 -14.52
C LEU A 114 -2.83 2.27 -15.73
N THR A 115 -2.69 2.88 -16.87
CA THR A 115 -2.59 2.16 -18.13
C THR A 115 -1.11 2.02 -18.52
N THR A 116 -0.88 1.17 -19.52
CA THR A 116 0.41 0.98 -20.10
C THR A 116 0.94 2.31 -20.63
N ALA A 117 0.10 3.04 -21.34
CA ALA A 117 0.52 4.32 -21.90
C ALA A 117 0.97 5.30 -20.78
N ARG A 118 0.26 5.29 -19.66
CA ARG A 118 0.64 6.08 -18.55
C ARG A 118 1.93 5.55 -17.91
N PHE A 119 2.07 4.24 -17.78
CA PHE A 119 3.24 3.66 -17.15
C PHE A 119 4.57 4.09 -17.88
N ARG A 120 4.53 4.20 -19.21
CA ARG A 120 5.75 4.68 -19.91
C ARG A 120 6.11 6.10 -19.44
N VAL A 121 5.13 6.95 -19.28
CA VAL A 121 5.36 8.32 -18.79
C VAL A 121 5.78 8.31 -17.30
N PHE A 122 5.24 7.37 -16.50
CA PHE A 122 5.55 7.31 -15.07
C PHE A 122 7.08 7.09 -14.90
N VAL A 123 7.69 6.23 -15.71
CA VAL A 123 9.14 5.96 -15.57
C VAL A 123 9.95 7.25 -15.74
N ASP A 124 9.55 8.13 -16.65
CA ASP A 124 10.20 9.43 -16.79
C ASP A 124 10.00 10.35 -15.59
N ILE A 125 8.81 10.27 -14.97
CA ILE A 125 8.55 10.99 -13.77
C ILE A 125 9.53 10.58 -12.66
N PHE A 126 9.68 9.26 -12.46
CA PHE A 126 10.61 8.76 -11.48
C PHE A 126 12.04 9.24 -11.74
N GLU A 127 12.51 9.20 -12.97
CA GLU A 127 13.83 9.72 -13.34
C GLU A 127 13.94 11.19 -12.98
N ASP A 128 12.90 11.94 -13.27
CA ASP A 128 12.96 13.38 -13.12
C ASP A 128 13.00 13.78 -11.60
N GLU A 129 12.17 13.14 -10.79
CA GLU A 129 12.14 13.39 -9.36
C GLU A 129 13.41 12.97 -8.60
N ILE A 130 14.00 11.83 -8.97
CA ILE A 130 15.26 11.36 -8.43
C ILE A 130 16.39 12.35 -8.82
N ALA A 131 16.39 12.81 -10.05
CA ALA A 131 17.37 13.78 -10.48
C ALA A 131 17.32 15.05 -9.60
N HIS A 132 16.13 15.61 -9.33
CA HIS A 132 15.99 16.69 -8.35
C HIS A 132 16.49 16.29 -6.96
N LYS A 133 16.11 15.11 -6.51
CA LYS A 133 16.51 14.69 -5.17
C LYS A 133 18.01 14.45 -4.94
N VAL A 134 18.71 13.93 -5.93
CA VAL A 134 20.16 13.80 -5.80
C VAL A 134 20.86 15.18 -5.62
N LYS A 135 20.26 16.26 -6.05
CA LYS A 135 20.83 17.59 -5.76
C LYS A 135 20.83 17.88 -4.24
N GLU A 136 19.85 17.37 -3.50
CA GLU A 136 19.79 17.49 -2.06
C GLU A 136 20.79 16.58 -1.36
N LEU A 137 20.92 15.35 -1.83
CA LEU A 137 21.80 14.38 -1.22
C LEU A 137 23.27 14.64 -1.46
N GLY A 138 23.61 15.31 -2.56
CA GLY A 138 25.00 15.55 -2.92
C GLY A 138 25.77 14.28 -3.27
N PRO A 139 27.08 14.42 -3.45
CA PRO A 139 27.84 13.26 -3.87
C PRO A 139 28.08 12.20 -2.81
N GLU A 140 27.84 12.46 -1.53
CA GLU A 140 27.95 11.41 -0.48
C GLU A 140 27.30 11.86 0.80
N GLY A 141 27.07 10.94 1.73
CA GLY A 141 26.44 11.28 2.99
C GLY A 141 25.68 10.12 3.56
N THR A 142 24.80 10.43 4.52
CA THR A 142 23.87 9.48 5.04
C THR A 142 22.44 10.05 4.96
N VAL A 143 21.46 9.15 4.97
CA VAL A 143 20.07 9.57 4.82
C VAL A 143 19.23 8.52 5.44
N ASP A 144 18.07 8.93 5.92
CA ASP A 144 17.13 7.96 6.46
C ASP A 144 16.36 7.30 5.29
N VAL A 145 16.40 5.97 5.21
CA VAL A 145 15.87 5.26 4.07
C VAL A 145 14.35 5.48 3.99
N ALA A 146 13.64 5.29 5.10
CA ALA A 146 12.18 5.49 5.11
C ALA A 146 11.73 6.89 4.65
N GLU A 147 12.42 7.92 5.11
CA GLU A 147 12.07 9.30 4.74
C GLU A 147 12.36 9.59 3.30
N LEU A 148 13.48 9.09 2.79
CA LEU A 148 13.84 9.27 1.41
C LEU A 148 12.73 8.73 0.52
N MET A 149 12.33 7.50 0.79
CA MET A 149 11.32 6.86 -0.01
C MET A 149 9.98 7.59 0.06
N ALA A 150 9.55 7.96 1.29
CA ALA A 150 8.30 8.67 1.49
C ALA A 150 8.37 9.98 0.71
N ASP A 151 9.49 10.69 0.79
CA ASP A 151 9.61 12.02 0.13
C ASP A 151 9.63 11.97 -1.38
N LEU A 152 10.28 10.93 -1.91
CA LEU A 152 10.25 10.70 -3.36
C LEU A 152 8.82 10.37 -3.84
N ILE A 153 8.12 9.52 -3.09
CA ILE A 153 6.86 8.97 -3.46
C ILE A 153 5.71 10.02 -3.30
N ILE A 154 5.82 10.94 -2.35
CA ILE A 154 4.96 12.12 -2.35
C ILE A 154 4.97 12.78 -3.74
N PHE A 155 6.14 12.99 -4.30
CA PHE A 155 6.24 13.71 -5.55
C PHE A 155 5.84 12.75 -6.70
N THR A 156 6.24 11.48 -6.64
CA THR A 156 6.07 10.64 -7.84
C THR A 156 4.64 10.24 -7.96
N ALA A 157 4.02 9.79 -6.87
CA ALA A 157 2.61 9.43 -6.87
C ALA A 157 1.67 10.54 -7.23
N SER A 158 1.98 11.73 -6.72
CA SER A 158 1.19 12.90 -7.02
C SER A 158 1.23 13.23 -8.50
N ARG A 159 2.38 13.19 -9.12
CA ARG A 159 2.52 13.57 -10.52
C ARG A 159 1.97 12.47 -11.38
N CYS A 160 2.06 11.21 -10.95
CA CYS A 160 1.57 10.07 -11.77
C CYS A 160 0.04 10.11 -11.84
N LEU A 161 -0.62 10.32 -10.68
CA LEU A 161 -2.04 10.23 -10.56
C LEU A 161 -2.71 11.51 -10.93
N LEU A 162 -2.10 12.62 -10.57
CA LEU A 162 -2.77 13.92 -10.66
C LEU A 162 -2.30 14.74 -11.81
N GLY A 163 -1.18 14.42 -12.44
CA GLY A 163 -0.68 15.30 -13.52
C GLY A 163 0.41 16.21 -13.01
N ASP A 164 1.23 16.70 -13.91
CA ASP A 164 2.36 17.53 -13.51
C ASP A 164 1.97 18.89 -12.91
N GLU A 165 0.77 19.36 -13.19
CA GLU A 165 0.25 20.63 -12.59
C GLU A 165 0.24 20.57 -11.02
N VAL A 166 0.19 19.38 -10.42
CA VAL A 166 0.27 19.26 -8.96
C VAL A 166 1.61 19.74 -8.41
N ARG A 167 2.68 19.71 -9.23
CA ARG A 167 4.03 19.86 -8.68
C ARG A 167 4.30 21.20 -8.00
N GLN A 168 3.71 22.24 -8.58
CA GLN A 168 3.95 23.58 -8.09
C GLN A 168 3.24 23.80 -6.74
N TYR A 169 2.14 23.10 -6.48
CA TYR A 169 1.54 23.07 -5.16
C TYR A 169 2.41 22.36 -4.12
N LEU A 170 3.10 21.30 -4.51
CA LEU A 170 4.10 20.65 -3.61
C LEU A 170 5.29 21.55 -3.31
N SER A 171 5.80 22.22 -4.33
CA SER A 171 7.01 23.04 -4.17
C SER A 171 6.72 24.46 -3.61
N GLU A 172 5.52 25.01 -3.82
CA GLU A 172 5.17 26.42 -3.45
C GLU A 172 4.03 26.62 -2.42
N LYS A 173 3.22 25.58 -2.16
CA LYS A 173 2.03 25.66 -1.31
C LYS A 173 1.99 24.56 -0.22
N ASN A 174 3.14 23.95 0.06
CA ASN A 174 3.33 23.03 1.20
C ASN A 174 2.48 21.74 1.18
N LEU A 175 2.07 21.30 -0.01
CA LEU A 175 1.08 20.22 -0.09
C LEU A 175 1.62 18.96 0.57
N GLY A 176 2.92 18.73 0.51
CA GLY A 176 3.53 17.54 1.10
C GLY A 176 3.45 17.50 2.63
N LYS A 177 3.51 18.67 3.24
CA LYS A 177 3.29 18.83 4.72
C LYS A 177 1.83 18.55 5.11
N LEU A 178 0.90 19.04 4.29
CA LEU A 178 -0.53 18.71 4.51
C LEU A 178 -0.76 17.21 4.47
N TYR A 179 -0.20 16.51 3.47
CA TYR A 179 -0.29 15.02 3.46
C TYR A 179 0.15 14.39 4.81
N HIS A 180 1.31 14.82 5.33
CA HIS A 180 1.85 14.33 6.63
C HIS A 180 0.91 14.61 7.81
N ASP A 181 0.34 15.80 7.86
CA ASP A 181 -0.69 16.12 8.88
C ASP A 181 -1.96 15.22 8.76
N ILE A 182 -2.40 14.95 7.56
CA ILE A 182 -3.54 14.04 7.43
C ILE A 182 -3.05 12.70 7.94
N ASP A 183 -1.88 12.26 7.45
CA ASP A 183 -1.38 10.88 7.76
C ASP A 183 -0.99 10.69 9.23
N ASP A 184 -0.48 11.74 9.85
CA ASP A 184 -0.28 11.76 11.31
C ASP A 184 -1.58 11.61 12.10
N GLY A 185 -2.70 12.08 11.56
CA GLY A 185 -3.96 11.96 12.26
C GLY A 185 -4.76 10.70 12.14
N ILE A 186 -4.26 9.73 11.38
CA ILE A 186 -5.01 8.53 11.09
C ILE A 186 -4.50 7.45 12.01
N SER A 187 -5.35 6.92 12.87
CA SER A 187 -4.89 6.02 13.94
C SER A 187 -5.57 4.68 13.75
N PRO A 188 -4.83 3.56 13.93
CA PRO A 188 -5.52 2.26 13.99
C PRO A 188 -6.72 2.17 14.98
N LEU A 189 -6.69 2.94 16.08
CA LEU A 189 -7.75 2.85 17.08
C LEU A 189 -9.12 3.41 16.62
N SER A 190 -9.07 4.30 15.63
CA SER A 190 -10.24 4.73 14.89
C SER A 190 -11.10 3.60 14.36
N PHE A 191 -10.47 2.49 14.03
CA PHE A 191 -11.23 1.31 13.63
C PHE A 191 -12.23 0.92 14.74
N PHE A 192 -11.81 1.05 15.99
CA PHE A 192 -12.65 0.72 17.14
C PHE A 192 -13.57 1.92 17.57
N TYR A 193 -13.07 3.17 17.44
CA TYR A 193 -13.80 4.40 17.74
C TYR A 193 -13.79 5.34 16.56
N PRO A 194 -14.73 5.19 15.62
CA PRO A 194 -14.68 6.07 14.43
C PRO A 194 -14.87 7.55 14.74
N SER A 195 -15.38 7.92 15.92
CA SER A 195 -15.52 9.36 16.25
C SER A 195 -14.38 10.07 16.99
N LEU A 196 -13.29 9.37 17.36
CA LEU A 196 -12.15 10.01 18.00
C LEU A 196 -11.83 11.33 17.26
N PRO A 197 -11.95 12.48 17.93
CA PRO A 197 -11.65 13.72 17.21
C PRO A 197 -10.18 13.82 16.84
N ALA A 198 -9.91 14.57 15.77
CA ALA A 198 -8.56 14.69 15.23
C ALA A 198 -8.51 16.04 14.56
N PRO A 199 -8.46 17.10 15.37
CA PRO A 199 -8.66 18.43 14.77
C PRO A 199 -7.60 18.86 13.77
N LYS A 200 -6.36 18.49 14.03
CA LYS A 200 -5.24 18.83 13.11
C LYS A 200 -5.41 18.12 11.78
N ARG A 201 -5.74 16.85 11.87
CA ARG A 201 -6.06 16.05 10.66
C ARG A 201 -7.14 16.69 9.85
N ASP A 202 -8.25 17.04 10.49
CA ASP A 202 -9.33 17.69 9.75
C ASP A 202 -8.92 19.02 9.15
N LYS A 203 -8.17 19.83 9.88
CA LYS A 203 -7.71 21.10 9.28
C LYS A 203 -6.88 20.83 7.99
N ALA A 204 -5.96 19.90 8.05
CA ALA A 204 -5.16 19.61 6.85
C ALA A 204 -6.04 19.02 5.71
N ARG A 205 -6.95 18.15 6.06
CA ARG A 205 -7.84 17.56 5.04
C ARG A 205 -8.67 18.62 4.33
N LYS A 206 -9.13 19.63 5.08
CA LYS A 206 -9.86 20.74 4.51
C LYS A 206 -8.94 21.50 3.56
N ALA A 207 -7.70 21.77 4.00
CA ALA A 207 -6.68 22.43 3.17
C ALA A 207 -6.36 21.64 1.88
N VAL A 208 -6.16 20.35 2.00
CA VAL A 208 -5.93 19.52 0.79
C VAL A 208 -7.14 19.60 -0.14
N GLY A 209 -8.34 19.56 0.42
CA GLY A 209 -9.55 19.78 -0.33
C GLY A 209 -9.59 21.04 -1.18
N GLU A 210 -9.16 22.17 -0.63
CA GLU A 210 -9.21 23.45 -1.34
C GLU A 210 -8.20 23.48 -2.47
N ILE A 211 -7.01 22.93 -2.21
CA ILE A 211 -6.03 22.75 -3.29
C ILE A 211 -6.47 21.86 -4.42
N PHE A 212 -7.08 20.74 -4.11
CA PHE A 212 -7.54 19.85 -5.15
C PHE A 212 -8.76 20.43 -5.87
N GLN A 213 -9.57 21.24 -5.20
CA GLN A 213 -10.70 21.91 -5.85
C GLN A 213 -10.17 22.88 -6.92
N GLU A 214 -9.17 23.64 -6.51
CA GLU A 214 -8.50 24.56 -7.39
C GLU A 214 -7.90 23.83 -8.61
N LEU A 215 -7.27 22.69 -8.37
CA LEU A 215 -6.68 21.89 -9.41
C LEU A 215 -7.77 21.34 -10.38
N LEU A 216 -8.90 20.91 -9.86
CA LEU A 216 -10.01 20.53 -10.70
C LEU A 216 -10.51 21.76 -11.55
N ASP A 217 -10.62 22.94 -10.95
CA ASP A 217 -11.10 24.12 -11.68
C ASP A 217 -10.16 24.51 -12.78
N LYS A 218 -8.87 24.55 -12.48
CA LYS A 218 -7.83 24.84 -13.44
C LYS A 218 -7.84 23.85 -14.58
N ARG A 219 -8.04 22.58 -14.27
CA ARG A 219 -8.04 21.59 -15.30
C ARG A 219 -9.22 21.72 -16.25
N ARG A 220 -10.41 22.08 -15.75
CA ARG A 220 -11.58 22.31 -16.61
C ARG A 220 -11.31 23.39 -17.68
N GLU A 221 -10.62 24.46 -17.32
CA GLU A 221 -10.27 25.51 -18.30
C GLU A 221 -9.17 25.06 -19.25
N GLU A 222 -8.13 24.39 -18.75
CA GLU A 222 -7.16 23.68 -19.60
C GLU A 222 -7.81 22.62 -20.56
N HIS A 223 -8.91 21.99 -20.16
CA HIS A 223 -9.71 21.10 -21.07
C HIS A 223 -10.50 21.86 -22.16
N LYS A 224 -10.95 23.07 -21.83
CA LYS A 224 -11.58 23.97 -22.79
C LYS A 224 -10.53 24.47 -23.78
N LYS A 225 -9.50 25.10 -23.25
CA LYS A 225 -8.39 25.60 -24.08
C LYS A 225 -7.64 24.52 -24.88
N HIS A 226 -7.51 23.29 -24.36
CA HIS A 226 -6.72 22.26 -25.05
C HIS A 226 -7.40 20.89 -25.08
N PRO A 227 -8.52 20.78 -25.85
CA PRO A 227 -9.36 19.56 -25.89
C PRO A 227 -8.68 18.30 -26.46
N GLU A 228 -7.65 18.49 -27.28
CA GLU A 228 -6.82 17.38 -27.77
C GLU A 228 -6.11 16.59 -26.65
N ARG A 229 -5.83 17.25 -25.51
CA ARG A 229 -5.35 16.55 -24.30
C ARG A 229 -6.15 15.28 -24.00
N LEU A 230 -7.47 15.38 -24.21
CA LEU A 230 -8.39 14.27 -23.96
C LEU A 230 -8.26 13.15 -24.94
N LEU A 231 -7.61 13.40 -26.08
CA LEU A 231 -7.36 12.37 -27.08
C LEU A 231 -6.00 11.68 -26.90
N ASP A 232 -5.18 12.13 -25.96
CA ASP A 232 -3.82 11.59 -25.78
C ASP A 232 -3.75 10.66 -24.53
N GLU A 233 -3.81 9.34 -24.75
CA GLU A 233 -3.82 8.37 -23.66
C GLU A 233 -2.61 8.45 -22.74
N SER A 234 -1.52 9.04 -23.21
CA SER A 234 -0.35 9.15 -22.40
C SER A 234 -0.39 10.35 -21.48
N LYS A 235 -1.28 11.29 -21.74
CA LYS A 235 -1.38 12.51 -20.92
C LYS A 235 -2.63 12.53 -20.05
N MET A 236 -3.53 11.56 -20.23
CA MET A 236 -4.70 11.45 -19.44
C MET A 236 -4.41 10.81 -18.05
N ASP A 237 -4.59 11.58 -16.99
CA ASP A 237 -4.45 11.12 -15.60
C ASP A 237 -5.78 10.90 -14.87
N VAL A 238 -5.74 10.60 -13.58
CA VAL A 238 -6.96 10.33 -12.85
C VAL A 238 -7.84 11.59 -12.74
N VAL A 239 -7.25 12.77 -12.58
CA VAL A 239 -8.03 13.98 -12.59
C VAL A 239 -8.83 14.16 -13.93
N ASP A 240 -8.17 13.87 -15.05
CA ASP A 240 -8.85 13.91 -16.35
C ASP A 240 -10.00 12.98 -16.47
N HIS A 241 -9.86 11.74 -15.98
CA HIS A 241 -10.92 10.78 -16.06
C HIS A 241 -12.09 11.18 -15.16
N LEU A 242 -11.78 11.62 -13.95
CA LEU A 242 -12.76 12.09 -13.00
C LEU A 242 -13.61 13.25 -13.52
N LEU A 243 -13.01 14.09 -14.33
CA LEU A 243 -13.72 15.20 -14.91
C LEU A 243 -14.57 14.87 -16.15
N THR A 244 -14.35 13.72 -16.76
CA THR A 244 -14.98 13.44 -18.03
C THR A 244 -15.81 12.17 -18.02
N GLN A 245 -15.86 11.44 -16.92
CA GLN A 245 -16.67 10.21 -16.86
C GLN A 245 -17.79 10.46 -15.87
N LYS A 246 -18.84 9.63 -15.95
CA LYS A 246 -20.02 9.73 -15.09
C LYS A 246 -20.21 8.34 -14.54
N TYR A 247 -21.14 8.14 -13.61
CA TYR A 247 -21.42 6.79 -13.12
C TYR A 247 -22.16 6.01 -14.23
N LYS A 248 -22.20 4.69 -14.17
CA LYS A 248 -22.89 3.87 -15.22
C LYS A 248 -24.35 4.30 -15.43
N ASP A 249 -25.08 4.45 -14.35
CA ASP A 249 -26.52 4.78 -14.43
C ASP A 249 -26.79 6.18 -14.97
N GLY A 250 -25.74 6.99 -15.16
CA GLY A 250 -25.87 8.34 -15.76
C GLY A 250 -25.72 9.50 -14.76
N GLN A 251 -25.74 9.24 -13.44
CA GLN A 251 -25.53 10.32 -12.44
C GLN A 251 -24.09 10.87 -12.55
N GLU A 252 -23.94 12.19 -12.69
CA GLU A 252 -22.61 12.80 -12.67
C GLU A 252 -21.97 12.79 -11.27
N LEU A 253 -20.65 12.90 -11.25
CA LEU A 253 -19.89 12.98 -10.03
C LEU A 253 -20.01 14.35 -9.40
N THR A 254 -19.91 14.43 -8.09
CA THR A 254 -19.74 15.72 -7.40
C THR A 254 -18.24 16.00 -7.24
N ASP A 255 -17.88 17.28 -7.25
CA ASP A 255 -16.53 17.70 -6.88
C ASP A 255 -16.04 17.19 -5.51
N VAL A 256 -16.93 17.11 -4.54
CA VAL A 256 -16.71 16.39 -3.27
C VAL A 256 -16.16 14.99 -3.49
N HIS A 257 -16.89 14.18 -4.24
CA HIS A 257 -16.47 12.86 -4.61
C HIS A 257 -15.14 12.83 -5.35
N ARG A 258 -14.92 13.69 -6.35
CA ARG A 258 -13.72 13.63 -7.13
C ARG A 258 -12.52 13.83 -6.13
N ILE A 259 -12.64 14.82 -5.26
CA ILE A 259 -11.64 15.16 -4.30
C ILE A 259 -11.35 13.98 -3.39
N GLY A 260 -12.40 13.35 -2.89
CA GLY A 260 -12.27 12.20 -1.98
C GLY A 260 -11.55 11.04 -2.65
N ILE A 261 -11.94 10.77 -3.87
CA ILE A 261 -11.32 9.69 -4.66
C ILE A 261 -9.77 9.91 -4.93
N LEU A 262 -9.40 11.15 -5.19
CA LEU A 262 -8.06 11.54 -5.39
C LEU A 262 -7.29 11.38 -4.11
N ILE A 263 -7.87 11.82 -2.99
CA ILE A 263 -7.22 11.66 -1.72
C ILE A 263 -7.02 10.14 -1.42
N ALA A 264 -8.02 9.32 -1.68
CA ALA A 264 -7.85 7.88 -1.39
C ALA A 264 -6.81 7.27 -2.36
N GLY A 265 -6.80 7.75 -3.61
CA GLY A 265 -5.84 7.34 -4.63
C GLY A 265 -4.43 7.61 -4.16
N LEU A 266 -4.20 8.80 -3.63
CA LEU A 266 -2.92 9.19 -3.10
C LEU A 266 -2.51 8.43 -1.88
N PHE A 267 -3.48 8.15 -1.02
CA PHE A 267 -3.21 7.34 0.17
C PHE A 267 -2.70 5.94 -0.29
N ALA A 268 -3.46 5.30 -1.18
CA ALA A 268 -3.06 3.97 -1.73
C ALA A 268 -1.73 3.97 -2.55
N GLY A 269 -1.46 5.02 -3.31
CA GLY A 269 -0.31 5.15 -4.14
C GLY A 269 1.00 5.50 -3.46
N GLN A 270 0.92 5.86 -2.18
CA GLN A 270 2.03 6.30 -1.43
C GLN A 270 2.56 5.37 -0.33
N HIS A 271 1.73 5.06 0.65
CA HIS A 271 2.24 4.48 1.92
C HIS A 271 2.82 3.10 1.76
N THR A 272 2.03 2.22 1.18
CA THR A 272 2.43 0.85 0.96
C THR A 272 3.67 0.70 0.06
N SER A 273 3.81 1.56 -0.94
CA SER A 273 4.91 1.62 -1.80
C SER A 273 6.18 2.13 -1.12
N SER A 274 6.13 3.26 -0.38
CA SER A 274 7.32 3.78 0.29
C SER A 274 7.85 2.83 1.37
N ILE A 275 6.94 2.16 2.06
CA ILE A 275 7.33 1.12 3.00
C ILE A 275 7.99 -0.10 2.36
N THR A 276 7.37 -0.58 1.30
CA THR A 276 7.94 -1.71 0.58
C THR A 276 9.28 -1.35 -0.08
N SER A 277 9.42 -0.17 -0.67
CA SER A 277 10.68 0.26 -1.16
C SER A 277 11.78 0.27 -0.11
N SER A 278 11.49 0.80 1.07
CA SER A 278 12.44 0.82 2.20
C SER A 278 12.89 -0.60 2.56
N TRP A 279 11.94 -1.48 2.77
CA TRP A 279 12.34 -2.83 3.21
C TRP A 279 13.10 -3.55 2.10
N THR A 280 12.72 -3.28 0.84
CA THR A 280 13.34 -3.95 -0.28
C THR A 280 14.80 -3.48 -0.36
N LEU A 281 15.02 -2.18 -0.45
CA LEU A 281 16.33 -1.64 -0.59
C LEU A 281 17.25 -2.04 0.55
N MET A 282 16.74 -2.01 1.79
CA MET A 282 17.54 -2.37 2.96
C MET A 282 18.04 -3.82 2.86
N ASN A 283 17.17 -4.71 2.49
CA ASN A 283 17.54 -6.14 2.44
C ASN A 283 18.44 -6.43 1.26
N VAL A 284 18.27 -5.73 0.14
CA VAL A 284 19.16 -5.82 -1.00
C VAL A 284 20.60 -5.34 -0.72
N ILE A 285 20.77 -4.14 -0.17
CA ILE A 285 22.07 -3.63 0.08
C ILE A 285 22.84 -4.27 1.26
N SER A 286 22.15 -4.98 2.14
CA SER A 286 22.69 -5.62 3.30
C SER A 286 23.04 -7.08 3.03
N ASN A 287 22.65 -7.64 1.89
CA ASN A 287 22.97 -8.98 1.53
C ASN A 287 23.83 -9.02 0.27
N LYS A 288 25.09 -9.39 0.41
CA LYS A 288 26.07 -9.22 -0.67
C LYS A 288 25.71 -10.01 -1.88
N LYS A 289 25.27 -11.25 -1.69
CA LYS A 289 24.89 -12.10 -2.78
C LYS A 289 23.69 -11.54 -3.54
N VAL A 290 22.70 -11.05 -2.79
CA VAL A 290 21.50 -10.53 -3.42
C VAL A 290 21.84 -9.29 -4.20
N LEU A 291 22.64 -8.41 -3.57
CA LEU A 291 23.08 -7.17 -4.28
C LEU A 291 23.82 -7.44 -5.61
N GLU A 292 24.73 -8.43 -5.58
CA GLU A 292 25.44 -8.87 -6.80
C GLU A 292 24.44 -9.24 -7.93
N LYS A 293 23.54 -10.14 -7.61
CA LYS A 293 22.55 -10.58 -8.62
C LYS A 293 21.72 -9.37 -9.12
N VAL A 294 21.32 -8.52 -8.19
CA VAL A 294 20.48 -7.40 -8.57
C VAL A 294 21.29 -6.52 -9.49
N ARG A 295 22.52 -6.19 -9.12
CA ARG A 295 23.34 -5.32 -9.99
C ARG A 295 23.68 -5.97 -11.33
N LYS A 296 23.85 -7.28 -11.35
CA LYS A 296 24.14 -7.93 -12.62
C LYS A 296 22.93 -7.89 -13.53
N GLU A 297 21.72 -8.11 -12.98
CA GLU A 297 20.52 -7.88 -13.80
C GLU A 297 20.39 -6.43 -14.32
N GLN A 298 20.63 -5.44 -13.44
CA GLN A 298 20.55 -4.03 -13.88
C GLN A 298 21.49 -3.77 -15.07
N GLU A 299 22.72 -4.24 -14.95
CA GLU A 299 23.78 -3.98 -15.95
C GLU A 299 23.40 -4.63 -17.26
N GLU A 300 22.88 -5.85 -17.19
CA GLU A 300 22.41 -6.54 -18.36
C GLU A 300 21.23 -5.81 -19.06
N ILE A 301 20.22 -5.39 -18.29
CA ILE A 301 19.11 -4.65 -18.85
C ILE A 301 19.46 -3.26 -19.33
N MET A 302 20.36 -2.55 -18.65
CA MET A 302 20.63 -1.15 -19.06
C MET A 302 21.47 -1.08 -20.34
N GLY A 303 22.43 -2.00 -20.46
CA GLY A 303 23.35 -2.03 -21.61
C GLY A 303 24.07 -0.69 -21.73
N SER A 304 24.01 -0.04 -22.91
CA SER A 304 24.59 1.30 -23.06
C SER A 304 23.64 2.45 -22.81
N ASP A 305 22.41 2.17 -22.39
CA ASP A 305 21.50 3.26 -22.15
C ASP A 305 21.78 3.89 -20.81
N LYS A 306 21.48 5.17 -20.67
CA LYS A 306 21.71 5.90 -19.41
C LYS A 306 20.47 6.19 -18.53
N VAL A 307 19.26 5.96 -19.04
CA VAL A 307 17.99 6.18 -18.26
C VAL A 307 17.04 5.02 -18.45
N LEU A 308 16.12 4.86 -17.51
CA LEU A 308 15.13 3.82 -17.59
C LEU A 308 14.11 4.10 -18.62
N ASP A 309 13.41 3.04 -18.99
CA ASP A 309 12.11 3.13 -19.66
C ASP A 309 11.32 1.94 -19.18
N TYR A 310 10.03 1.91 -19.55
CA TYR A 310 9.13 0.86 -19.11
C TYR A 310 9.51 -0.56 -19.45
N ASP A 311 10.02 -0.76 -20.65
CA ASP A 311 10.33 -2.11 -21.11
C ASP A 311 11.46 -2.66 -20.30
N LYS A 312 12.40 -1.80 -19.96
CA LYS A 312 13.46 -2.21 -19.06
C LYS A 312 12.98 -2.65 -17.72
N VAL A 313 12.04 -1.91 -17.12
CA VAL A 313 11.55 -2.26 -15.79
C VAL A 313 10.80 -3.57 -15.78
N MET A 314 10.07 -3.81 -16.87
CA MET A 314 9.41 -5.11 -17.11
C MET A 314 10.32 -6.34 -17.19
N LYS A 315 11.61 -6.17 -17.42
CA LYS A 315 12.55 -7.31 -17.46
C LYS A 315 13.25 -7.57 -16.15
N MET A 316 12.95 -6.78 -15.11
CA MET A 316 13.71 -6.80 -13.90
C MET A 316 13.16 -7.81 -12.95
N ASP A 317 13.24 -9.10 -13.29
CA ASP A 317 12.58 -10.18 -12.55
C ASP A 317 13.13 -10.47 -11.20
N TYR A 318 14.45 -10.49 -11.09
CA TYR A 318 15.07 -10.80 -9.84
C TYR A 318 14.72 -9.67 -8.82
N LEU A 319 14.84 -8.43 -9.26
CA LEU A 319 14.47 -7.30 -8.39
C LEU A 319 13.00 -7.36 -7.99
N GLU A 320 12.13 -7.76 -8.91
CA GLU A 320 10.75 -7.96 -8.55
C GLU A 320 10.62 -9.06 -7.48
N ALA A 321 11.37 -10.14 -7.60
CA ALA A 321 11.38 -11.18 -6.54
C ALA A 321 11.86 -10.66 -5.17
N CYS A 322 12.83 -9.75 -5.19
CA CYS A 322 13.28 -9.11 -3.96
C CYS A 322 12.12 -8.36 -3.31
N MET A 323 11.41 -7.59 -4.11
CA MET A 323 10.23 -6.84 -3.62
C MET A 323 9.17 -7.78 -3.09
N LYS A 324 8.86 -8.83 -3.83
CA LYS A 324 7.94 -9.87 -3.32
C LYS A 324 8.39 -10.54 -2.03
N GLU A 325 9.70 -10.74 -1.90
CA GLU A 325 10.23 -11.41 -0.69
C GLU A 325 10.14 -10.37 0.45
N ALA A 326 10.34 -9.09 0.21
CA ALA A 326 10.09 -8.08 1.27
C ALA A 326 8.58 -7.98 1.65
N LEU A 327 7.68 -8.21 0.69
CA LEU A 327 6.27 -8.27 0.96
C LEU A 327 5.82 -9.50 1.77
N ARG A 328 6.52 -10.63 1.63
CA ARG A 328 6.21 -11.81 2.49
C ARG A 328 6.55 -11.51 3.94
N MET A 329 7.74 -10.98 4.14
CA MET A 329 8.31 -10.76 5.42
C MET A 329 7.79 -9.54 6.10
N TYR A 330 7.52 -8.47 5.36
CA TYR A 330 7.03 -7.24 5.99
C TYR A 330 5.84 -6.58 5.26
N PRO A 331 4.75 -7.29 5.15
CA PRO A 331 3.61 -6.70 4.42
C PRO A 331 3.07 -5.43 5.14
N PRO A 332 2.92 -4.36 4.37
CA PRO A 332 2.58 -3.10 5.04
C PRO A 332 1.12 -3.06 5.52
N LEU A 333 0.27 -3.90 4.98
CA LEU A 333 -1.11 -4.08 5.43
C LEU A 333 -1.14 -5.45 6.10
N ILE A 334 -1.10 -5.43 7.42
CA ILE A 334 -0.79 -6.64 8.21
C ILE A 334 -2.02 -7.51 8.49
N MET A 335 -3.18 -6.87 8.34
CA MET A 335 -4.50 -7.44 8.56
C MET A 335 -5.48 -6.96 7.48
N ILE A 336 -6.26 -7.90 6.97
CA ILE A 336 -7.36 -7.75 6.03
C ILE A 336 -8.66 -8.14 6.74
N MET A 337 -9.66 -7.27 6.69
CA MET A 337 -10.90 -7.54 7.43
C MET A 337 -12.14 -7.56 6.64
N ARG A 338 -13.13 -8.29 7.16
CA ARG A 338 -14.51 -8.27 6.66
C ARG A 338 -15.55 -8.41 7.79
N MET A 339 -16.69 -7.73 7.72
CA MET A 339 -17.79 -8.12 8.64
C MET A 339 -18.73 -9.16 8.09
N ALA A 340 -19.11 -10.12 8.92
CA ALA A 340 -20.06 -11.15 8.51
C ALA A 340 -21.44 -10.55 8.63
N ARG A 341 -22.05 -10.38 7.46
CA ARG A 341 -23.43 -9.89 7.33
C ARG A 341 -24.40 -11.08 7.46
N LYS A 342 -23.91 -12.29 7.22
CA LYS A 342 -24.66 -13.53 7.46
C LYS A 342 -23.71 -14.48 8.16
N PRO A 343 -24.23 -15.52 8.82
CA PRO A 343 -23.31 -16.49 9.40
C PRO A 343 -22.47 -17.12 8.33
N ARG A 344 -21.26 -17.53 8.67
CA ARG A 344 -20.32 -18.11 7.71
C ARG A 344 -19.86 -19.46 8.21
N GLU A 345 -19.81 -20.46 7.34
CA GLU A 345 -19.11 -21.73 7.66
C GLU A 345 -17.60 -21.61 7.49
N CYS A 346 -16.85 -22.21 8.40
CA CYS A 346 -15.41 -22.26 8.28
C CYS A 346 -14.97 -23.52 8.96
N GLU A 347 -14.22 -24.36 8.23
CA GLU A 347 -13.99 -25.78 8.58
C GLU A 347 -15.28 -26.40 9.18
N GLN A 348 -15.26 -26.75 10.46
CA GLN A 348 -16.41 -27.34 11.13
C GLN A 348 -17.24 -26.31 11.88
N TYR A 349 -16.78 -25.06 11.92
CA TYR A 349 -17.44 -24.04 12.70
C TYR A 349 -18.45 -23.21 11.90
N ILE A 350 -19.34 -22.52 12.64
CA ILE A 350 -20.15 -21.42 12.12
C ILE A 350 -19.65 -20.13 12.80
N ILE A 351 -19.36 -19.11 11.99
CA ILE A 351 -18.98 -17.82 12.48
C ILE A 351 -20.22 -16.96 12.46
N PRO A 352 -20.59 -16.39 13.61
CA PRO A 352 -21.79 -15.62 13.75
C PRO A 352 -21.81 -14.36 12.92
N LYS A 353 -23.00 -14.05 12.39
CA LYS A 353 -23.31 -12.71 11.92
C LYS A 353 -22.81 -11.64 12.88
N GLY A 354 -22.26 -10.56 12.34
CA GLY A 354 -21.71 -9.51 13.19
C GLY A 354 -20.27 -9.71 13.62
N ASN A 355 -19.69 -10.90 13.46
CA ASN A 355 -18.25 -11.07 13.75
C ASN A 355 -17.38 -10.41 12.66
N ILE A 356 -16.21 -9.93 13.04
CA ILE A 356 -15.25 -9.48 12.04
C ILE A 356 -14.28 -10.58 11.69
N LEU A 357 -14.21 -11.01 10.43
CA LEU A 357 -13.19 -11.99 10.05
C LEU A 357 -11.91 -11.27 9.69
N VAL A 358 -10.80 -11.83 10.15
CA VAL A 358 -9.46 -11.26 10.03
C VAL A 358 -8.47 -12.30 9.42
N VAL A 359 -7.83 -11.90 8.32
CA VAL A 359 -6.77 -12.65 7.68
C VAL A 359 -5.54 -11.75 7.75
N SER A 360 -4.36 -12.33 8.01
CA SER A 360 -3.13 -11.56 8.17
C SER A 360 -1.99 -11.99 7.20
N PRO A 361 -1.69 -11.17 6.18
CA PRO A 361 -0.50 -11.41 5.34
C PRO A 361 0.85 -11.51 6.11
N SER A 362 0.96 -10.89 7.26
CA SER A 362 2.12 -11.09 8.16
C SER A 362 2.25 -12.53 8.68
N VAL A 363 1.15 -13.10 9.14
CA VAL A 363 1.14 -14.45 9.67
C VAL A 363 1.36 -15.43 8.54
N ALA A 364 0.64 -15.26 7.42
CA ALA A 364 0.91 -16.08 6.21
C ALA A 364 2.37 -16.08 5.73
N GLY A 365 3.03 -14.93 5.77
CA GLY A 365 4.38 -14.84 5.31
C GLY A 365 5.40 -15.59 6.16
N ARG A 366 5.08 -15.82 7.44
CA ARG A 366 5.92 -16.54 8.39
C ARG A 366 5.43 -17.95 8.68
N CYS A 367 4.47 -18.46 7.93
CA CYS A 367 3.89 -19.78 8.16
C CYS A 367 4.89 -20.89 7.74
N THR A 368 5.37 -21.68 8.69
CA THR A 368 6.41 -22.70 8.42
C THR A 368 5.93 -23.87 7.54
N ASP A 369 4.61 -24.04 7.40
CA ASP A 369 3.98 -24.94 6.41
C ASP A 369 4.09 -24.49 4.95
N THR A 370 4.22 -23.19 4.72
CA THR A 370 4.53 -22.61 3.41
C THR A 370 6.03 -22.35 3.24
N TYR A 371 6.65 -21.70 4.22
CA TYR A 371 8.01 -21.18 4.00
C TYR A 371 9.02 -21.83 4.92
N THR A 372 10.17 -22.22 4.35
CA THR A 372 11.29 -22.76 5.12
C THR A 372 12.17 -21.63 5.59
N ASN A 373 12.68 -21.70 6.82
CA ASN A 373 13.51 -20.63 7.39
C ASN A 373 12.91 -19.21 7.16
N PRO A 374 11.64 -19.03 7.53
CA PRO A 374 10.87 -17.83 7.12
C PRO A 374 11.45 -16.50 7.59
N ASP A 375 12.32 -16.51 8.61
CA ASP A 375 12.95 -15.29 9.09
C ASP A 375 14.09 -14.81 8.22
N VAL A 376 14.43 -15.56 7.17
CA VAL A 376 15.49 -15.18 6.28
C VAL A 376 14.97 -14.62 4.97
N PHE A 377 15.50 -13.45 4.59
CA PHE A 377 15.27 -12.90 3.29
C PHE A 377 16.04 -13.69 2.18
N ASP A 378 15.31 -14.33 1.30
CA ASP A 378 15.88 -15.26 0.33
C ASP A 378 14.96 -15.23 -0.92
N PRO A 379 15.22 -14.33 -1.85
CA PRO A 379 14.28 -14.27 -2.97
C PRO A 379 14.16 -15.56 -3.81
N GLU A 380 15.12 -16.47 -3.67
CA GLU A 380 15.18 -17.74 -4.42
C GLU A 380 14.16 -18.73 -3.94
N ARG A 381 13.69 -18.55 -2.71
CA ARG A 381 12.55 -19.32 -2.19
C ARG A 381 11.32 -19.19 -3.06
N LEU A 382 11.22 -18.03 -3.72
CA LEU A 382 10.15 -17.68 -4.64
C LEU A 382 10.50 -18.02 -6.08
N THR A 383 11.67 -17.62 -6.53
CA THR A 383 12.01 -17.88 -7.96
C THR A 383 12.34 -19.36 -8.27
N GLU A 384 13.04 -20.05 -7.36
CA GLU A 384 13.51 -21.42 -7.64
C GLU A 384 12.70 -22.48 -6.86
N ARG A 385 12.52 -22.28 -5.56
CA ARG A 385 11.72 -23.22 -4.74
C ARG A 385 10.20 -23.04 -4.87
N LYS A 386 9.77 -21.94 -5.50
CA LYS A 386 8.33 -21.64 -5.66
C LYS A 386 7.52 -21.81 -4.41
N GLU A 387 8.08 -21.51 -3.22
CA GLU A 387 7.36 -21.90 -1.98
C GLU A 387 5.93 -21.32 -1.87
N HIS A 388 5.75 -20.14 -2.48
CA HIS A 388 4.49 -19.45 -2.52
C HIS A 388 3.38 -20.24 -3.17
N GLU A 389 3.73 -21.12 -4.12
CA GLU A 389 2.73 -21.85 -4.92
C GLU A 389 2.17 -23.11 -4.26
N LYS A 390 2.70 -23.45 -3.11
CA LYS A 390 2.24 -24.62 -2.34
C LYS A 390 0.74 -24.52 -1.92
N PHE A 391 0.24 -23.33 -1.58
CA PHE A 391 -1.24 -23.14 -1.34
C PHE A 391 -1.73 -22.03 -2.24
N LYS A 392 -2.99 -22.13 -2.65
CA LYS A 392 -3.59 -21.10 -3.45
C LYS A 392 -3.40 -19.69 -2.83
N TYR A 393 -3.49 -19.61 -1.50
CA TYR A 393 -3.49 -18.37 -0.76
C TYR A 393 -2.27 -18.34 0.13
N GLY A 394 -1.20 -19.05 -0.25
CA GLY A 394 0.02 -19.04 0.51
C GLY A 394 0.73 -17.68 0.55
N ALA A 395 0.48 -16.82 -0.45
CA ALA A 395 1.08 -15.48 -0.54
C ALA A 395 -0.03 -14.52 -0.88
N VAL A 396 -0.37 -13.63 0.05
CA VAL A 396 -1.49 -12.69 -0.14
C VAL A 396 -1.13 -11.25 0.24
N PRO A 397 0.06 -10.74 -0.18
CA PRO A 397 0.37 -9.38 0.22
C PRO A 397 -0.49 -8.33 -0.50
N PHE A 398 -1.00 -8.67 -1.69
CA PHE A 398 -1.89 -7.82 -2.48
C PHE A 398 -3.36 -8.32 -2.39
N GLY A 399 -3.65 -9.23 -1.47
CA GLY A 399 -4.99 -9.76 -1.33
C GLY A 399 -5.26 -10.77 -2.42
N ALA A 400 -6.55 -11.00 -2.69
CA ALA A 400 -6.95 -12.07 -3.58
C ALA A 400 -8.44 -11.98 -3.82
N GLY A 401 -8.88 -12.62 -4.90
CA GLY A 401 -10.29 -12.59 -5.26
C GLY A 401 -10.82 -11.23 -5.63
N ARG A 402 -12.05 -10.96 -5.23
CA ARG A 402 -12.83 -9.84 -5.76
C ARG A 402 -12.25 -8.47 -5.41
N HIS A 403 -11.55 -8.38 -4.28
CA HIS A 403 -10.96 -7.11 -3.82
C HIS A 403 -9.44 -7.07 -3.95
N LYS A 404 -8.89 -7.91 -4.82
CA LYS A 404 -7.45 -7.96 -5.04
C LYS A 404 -6.96 -6.58 -5.49
N CYS A 405 -5.80 -6.17 -5.00
CA CYS A 405 -5.26 -4.84 -5.26
C CYS A 405 -5.16 -4.51 -6.73
N ILE A 406 -5.76 -3.42 -7.13
CA ILE A 406 -5.68 -2.98 -8.52
C ILE A 406 -4.47 -2.12 -8.79
N GLY A 407 -3.78 -1.70 -7.73
CA GLY A 407 -2.57 -0.95 -7.81
C GLY A 407 -1.33 -1.81 -7.93
N GLU A 408 -1.44 -3.13 -8.02
CA GLU A 408 -0.27 -3.96 -7.95
C GLU A 408 0.84 -3.65 -8.99
N ASN A 409 0.46 -3.57 -10.28
CA ASN A 409 1.41 -3.29 -11.34
C ASN A 409 2.00 -1.91 -11.17
N PHE A 410 1.23 -0.93 -10.75
CA PHE A 410 1.80 0.39 -10.50
C PHE A 410 2.80 0.37 -9.35
N ALA A 411 2.50 -0.40 -8.29
CA ALA A 411 3.36 -0.44 -7.14
C ALA A 411 4.68 -1.14 -7.48
N LEU A 412 4.60 -2.22 -8.27
CA LEU A 412 5.75 -2.87 -8.79
C LEU A 412 6.57 -1.90 -9.62
N LEU A 413 5.89 -1.15 -10.48
CA LEU A 413 6.57 -0.23 -11.39
C LEU A 413 7.29 0.81 -10.55
N GLN A 414 6.56 1.39 -9.64
CA GLN A 414 7.15 2.42 -8.74
C GLN A 414 8.36 2.02 -7.91
N VAL A 415 8.28 0.92 -7.17
CA VAL A 415 9.34 0.47 -6.34
C VAL A 415 10.55 -0.06 -7.11
N LYS A 416 10.33 -0.79 -8.23
CA LYS A 416 11.41 -1.31 -9.02
C LYS A 416 12.12 -0.17 -9.61
N SER A 417 11.36 0.81 -10.08
CA SER A 417 12.03 1.92 -10.79
C SER A 417 12.93 2.72 -9.84
N ILE A 418 12.37 3.06 -8.71
CA ILE A 418 13.07 3.87 -7.71
C ILE A 418 14.34 3.17 -7.28
N ILE A 419 14.26 1.90 -6.92
CA ILE A 419 15.38 1.20 -6.47
C ILE A 419 16.46 1.08 -7.60
N SER A 420 16.02 0.76 -8.81
CA SER A 420 16.88 0.70 -10.00
C SER A 420 17.60 2.01 -10.21
N ILE A 421 16.84 3.10 -10.14
CA ILE A 421 17.46 4.39 -10.40
C ILE A 421 18.47 4.74 -9.30
N LEU A 422 18.09 4.50 -8.05
CA LEU A 422 18.98 4.82 -6.94
C LEU A 422 20.28 4.01 -7.00
N LEU A 423 20.18 2.70 -7.30
CA LEU A 423 21.37 1.85 -7.52
C LEU A 423 22.21 2.30 -8.69
N ARG A 424 21.59 2.86 -9.72
CA ARG A 424 22.36 3.49 -10.81
C ARG A 424 23.21 4.65 -10.32
N TYR A 425 22.66 5.50 -9.46
CA TYR A 425 23.35 6.75 -9.06
C TYR A 425 24.39 6.45 -7.98
N PHE A 426 24.05 5.54 -7.06
CA PHE A 426 24.73 5.41 -5.80
C PHE A 426 25.15 3.99 -5.46
N ASP A 427 26.34 3.86 -4.87
CA ASP A 427 26.60 2.77 -3.91
C ASP A 427 26.01 3.08 -2.57
N MET A 428 25.47 2.09 -1.91
CA MET A 428 24.79 2.31 -0.69
C MET A 428 25.04 1.16 0.28
N GLU A 429 25.27 1.51 1.56
CA GLU A 429 25.43 0.57 2.71
C GLU A 429 24.49 0.89 3.84
N TYR A 430 23.83 -0.10 4.38
CA TYR A 430 22.91 0.07 5.46
C TYR A 430 23.73 0.13 6.75
N ILE A 431 23.30 0.98 7.68
CA ILE A 431 23.89 1.09 9.04
C ILE A 431 23.11 0.27 10.09
N GLY A 432 23.73 -0.78 10.58
CA GLY A 432 23.18 -1.56 11.66
C GLY A 432 22.39 -2.75 11.17
N LYS A 433 21.58 -3.28 12.07
CA LYS A 433 20.76 -4.47 11.86
C LYS A 433 19.49 -4.04 11.15
N ILE A 434 18.91 -4.91 10.37
CA ILE A 434 17.62 -4.63 9.79
C ILE A 434 16.65 -4.53 10.96
N PRO A 435 15.90 -3.43 11.07
CA PRO A 435 14.92 -3.32 12.18
C PRO A 435 13.72 -4.27 12.11
N ASP A 436 12.96 -4.29 13.20
CA ASP A 436 11.67 -4.93 13.24
C ASP A 436 10.58 -3.95 12.77
N PRO A 437 9.40 -4.49 12.34
CA PRO A 437 8.22 -3.64 12.05
C PRO A 437 7.70 -2.94 13.31
N SER A 438 7.29 -1.69 13.16
CA SER A 438 6.70 -0.92 14.25
C SER A 438 5.18 -0.87 14.06
N TYR A 439 4.48 -1.51 14.98
CA TYR A 439 3.01 -1.63 14.90
C TYR A 439 2.38 -0.41 15.56
N THR A 440 2.67 0.76 15.02
CA THR A 440 2.25 2.10 15.52
C THR A 440 1.35 2.85 14.56
N SER A 441 1.02 2.25 13.42
CA SER A 441 0.38 2.99 12.36
C SER A 441 -0.43 2.03 11.55
N LEU A 442 -1.33 2.61 10.78
CA LEU A 442 -2.30 1.85 10.02
C LEU A 442 -1.62 1.08 8.90
N VAL A 443 -0.76 1.75 8.15
CA VAL A 443 0.16 1.07 7.25
C VAL A 443 1.48 0.85 8.01
N VAL A 444 1.91 -0.40 8.14
CA VAL A 444 3.01 -0.70 9.04
C VAL A 444 4.32 -0.65 8.31
N GLY A 445 5.30 0.01 8.93
CA GLY A 445 6.64 0.18 8.40
C GLY A 445 7.77 -0.14 9.38
N PRO A 446 9.03 0.06 8.94
CA PRO A 446 10.20 -0.30 9.75
C PRO A 446 10.33 0.65 10.94
N SER A 447 10.74 0.11 12.09
CA SER A 447 11.11 0.96 13.26
C SER A 447 12.29 1.87 12.95
N PRO A 448 12.12 3.20 13.16
CA PRO A 448 13.26 4.11 13.01
C PRO A 448 14.32 3.84 14.09
N PRO A 449 15.61 4.15 13.85
CA PRO A 449 16.08 4.81 12.63
C PRO A 449 16.44 3.81 11.48
N THR A 450 16.35 4.27 10.24
CA THR A 450 16.72 3.44 9.08
C THR A 450 17.68 4.25 8.26
N ARG A 451 18.97 4.24 8.61
CA ARG A 451 19.94 5.10 7.93
C ARG A 451 20.86 4.31 7.01
N MET A 452 21.31 4.92 5.91
CA MET A 452 22.28 4.35 5.07
C MET A 452 23.29 5.38 4.64
N ARG A 453 24.50 4.94 4.33
CA ARG A 453 25.49 5.76 3.63
C ARG A 453 25.35 5.60 2.14
N TYR A 454 25.66 6.62 1.40
CA TYR A 454 25.62 6.56 -0.02
C TYR A 454 26.83 7.26 -0.63
N LYS A 455 27.18 6.81 -1.80
CA LYS A 455 28.19 7.52 -2.54
C LYS A 455 27.92 7.47 -4.00
N LEU A 456 27.99 8.61 -4.66
CA LEU A 456 27.81 8.67 -6.11
C LEU A 456 28.84 7.76 -6.86
N ARG A 457 28.36 7.04 -7.86
CA ARG A 457 29.20 6.15 -8.67
C ARG A 457 29.98 6.84 -9.80
N LYS A 458 29.46 7.96 -10.30
CA LYS A 458 30.09 8.76 -11.35
C LYS A 458 30.30 10.17 -10.75
N GLN A 459 31.49 10.43 -10.20
CA GLN A 459 31.79 11.68 -9.45
C GLN A 459 31.84 12.99 -10.29
N GLN A 460 32.32 12.91 -11.52
CA GLN A 460 32.48 14.08 -12.41
C GLN A 460 32.67 13.62 -13.87
CHA HEM B . -6.51 -3.62 -2.38
CHB HEM B . -1.95 -4.13 -0.80
CHC HEM B . -0.53 -0.52 -3.68
CHD HEM B . -5.17 0.41 -4.72
C1A HEM B . -5.38 -4.07 -1.75
C2A HEM B . -5.36 -5.19 -0.85
C3A HEM B . -4.08 -5.33 -0.43
C4A HEM B . -3.30 -4.27 -0.98
CMA HEM B . -3.61 -6.35 0.60
CAA HEM B . -6.54 -6.05 -0.48
CBA HEM B . -7.36 -5.34 0.67
CGA HEM B . -8.61 -6.11 1.05
O1A HEM B . -9.35 -5.62 1.94
O2A HEM B . -8.93 -7.22 0.52
C1B HEM B . -1.13 -3.24 -1.50
C2B HEM B . 0.26 -3.23 -1.32
C3B HEM B . 0.71 -2.21 -2.11
C4B HEM B . -0.52 -1.60 -2.76
CMB HEM B . 1.12 -4.11 -0.44
CAB HEM B . 2.09 -1.77 -2.44
CBB HEM B . 3.21 -2.52 -2.38
C1C HEM B . -1.70 0.07 -4.19
C2C HEM B . -1.71 1.17 -5.06
C3C HEM B . -3.03 1.44 -5.36
C4C HEM B . -3.85 0.46 -4.66
CMC HEM B . -0.38 1.78 -5.50
CAC HEM B . -3.66 2.51 -6.20
CBC HEM B . -3.00 3.51 -6.74
C1D HEM B . -5.87 -0.68 -4.17
C2D HEM B . -7.25 -0.74 -4.34
C3D HEM B . -7.66 -1.86 -3.73
C4D HEM B . -6.47 -2.45 -3.12
CMD HEM B . -8.14 0.20 -5.09
CAD HEM B . -9.09 -2.41 -3.74
CBD HEM B . -9.79 -2.40 -2.39
CGD HEM B . -11.26 -2.79 -2.52
O1D HEM B . -11.68 -3.38 -3.55
O2D HEM B . -12.04 -2.49 -1.55
NA HEM B . -4.09 -3.56 -1.81
NB HEM B . -1.57 -2.27 -2.36
NC HEM B . -3.03 -0.29 -3.96
ND HEM B . -5.37 -1.68 -3.38
FE HEM B . -3.57 -1.95 -2.90
F3 L49 C . -8.12 5.09 -4.15
C15 L49 C . -9.16 4.30 -4.20
F1 L49 C . -10.22 5.05 -4.15
F2 L49 C . -9.18 3.68 -5.35
C14 L49 C . -9.09 3.32 -3.05
C13 L49 C . -8.08 3.40 -2.10
C16 L49 C . -10.09 2.36 -3.02
C17 L49 C . -10.10 1.41 -1.98
C18 L49 C . -9.07 1.45 -1.05
C L49 C . -8.09 2.44 -1.08
C1 L49 C . -7.05 2.46 0.00
O L49 C . -6.26 3.34 0.12
O1 L49 C . -7.05 1.41 0.90
C2 L49 C . -6.15 1.36 1.98
C9 L49 C . -5.39 0.05 1.90
N L49 C . -4.59 -0.10 0.67
C12 L49 C . -4.80 -0.94 -0.33
N1 L49 C . -3.80 -0.88 -1.25
C11 L49 C . -2.97 0.11 -0.83
C10 L49 C . -3.44 0.59 0.40
C3 L49 C . -6.97 1.36 3.22
C8 L49 C . -6.71 2.24 4.28
C7 L49 C . -7.44 2.24 5.47
C6 L49 C . -8.51 1.35 5.54
F L49 C . -9.29 1.24 6.61
C5 L49 C . -8.78 0.49 4.48
C4 L49 C . -8.05 0.51 3.33
CA CA D . -4.58 -9.09 26.83
CA CA E . -3.91 -15.62 8.24
#